data_2M84
#
_entry.id   2M84
#
_entity_poly.entity_id   1
_entity_poly.type   'polydeoxyribonucleotide/polyribonucleotide hybrid'
_entity_poly.pdbx_seq_one_letter_code
;(CFZ)(GF2)(CFZ)(GF2)(AF2)(AF2)(TAF)(TAF)(CFL)(GFL)(CFL)(GFL)
;
_entity_poly.pdbx_strand_id   A,B
#